data_4W8X
#
_entry.id   4W8X
#
_cell.length_a   101.057
_cell.length_b   101.057
_cell.length_c   107.947
_cell.angle_alpha   90.00
_cell.angle_beta   90.00
_cell.angle_gamma   120.00
#
_symmetry.space_group_name_H-M   'P 31 2 1'
#
loop_
_entity.id
_entity.type
_entity.pdbx_description
1 polymer 'CRISPR system Cmr subunit Cmr1-1'
2 non-polymer 'PHOSPHATE ION'
3 non-polymer "GUANOSINE-3'-MONOPHOSPHATE"
4 water water
#
_entity_poly.entity_id   1
_entity_poly.type   'polypeptide(L)'
_entity_poly.pdbx_seq_one_letter_code
;HHHHHHMFIEEFEIESITSTHLLEVLTREYPEVRSPSIKGAMRWWFRALAGSYFGDDAQKLKEIENQVFGSTKERSRVKI
SVTPLSSPKRLNLKEFKDKNVGYIWFSINLLGKRGTITHYYPPGSRFRVVLESPSERVIKLATLSLWALVSLGSVGFRSR
RGTGSMKIVRASSEVLEDLGLTTEFNSIDEFKDSLKRVLDVTGEILGVKNSETNKSLPSYATLKFSDVEVFGPGKNTWEV
LAQFNNSYKEYLRRRIKKYQRIIFGLPRFKLRGVRKDLRRASPLWFGVVEIGGKPYGRIIKFFQSTFHPEVRSKHIVDWN
VLSNFDWFISSRLPVTKVWGGWSG
;
_entity_poly.pdbx_strand_id   A
#
loop_
_chem_comp.id
_chem_comp.type
_chem_comp.name
_chem_comp.formula
3GP non-polymer GUANOSINE-3'-MONOPHOSPHATE 'C10 H14 N5 O8 P'
PO4 non-polymer 'PHOSPHATE ION' 'O4 P -3'
#
# COMPACT_ATOMS: atom_id res chain seq x y z
N MET A 7 -7.15 -23.50 -19.41
CA MET A 7 -7.71 -22.20 -19.74
C MET A 7 -8.28 -21.52 -18.49
N PHE A 8 -7.40 -21.05 -17.62
CA PHE A 8 -7.83 -20.57 -16.29
C PHE A 8 -8.29 -19.12 -16.29
N ILE A 9 -9.25 -18.80 -15.43
CA ILE A 9 -9.79 -17.44 -15.38
C ILE A 9 -10.38 -17.07 -14.02
N GLU A 10 -9.88 -15.95 -13.48
CA GLU A 10 -10.30 -15.44 -12.20
C GLU A 10 -10.94 -14.07 -12.42
N GLU A 11 -12.07 -13.83 -11.78
CA GLU A 11 -12.74 -12.57 -11.99
C GLU A 11 -13.05 -11.94 -10.64
N PHE A 12 -12.94 -10.61 -10.55
CA PHE A 12 -13.14 -9.88 -9.31
C PHE A 12 -13.83 -8.55 -9.58
N GLU A 13 -14.63 -8.07 -8.64
CA GLU A 13 -15.11 -6.67 -8.65
C GLU A 13 -14.61 -6.01 -7.40
N ILE A 14 -13.82 -4.94 -7.58
CA ILE A 14 -13.29 -4.23 -6.44
C ILE A 14 -13.99 -2.87 -6.33
N GLU A 15 -14.08 -2.36 -5.11
CA GLU A 15 -14.78 -1.11 -4.89
C GLU A 15 -13.93 -0.24 -3.98
N SER A 16 -13.85 1.05 -4.31
CA SER A 16 -13.12 2.02 -3.50
C SER A 16 -13.72 2.20 -2.09
N ILE A 17 -12.86 2.20 -1.09
CA ILE A 17 -13.24 2.48 0.28
C ILE A 17 -12.96 3.95 0.57
N THR A 18 -11.85 4.42 0.03
CA THR A 18 -11.49 5.83 0.13
C THR A 18 -11.34 6.39 -1.28
N SER A 19 -11.35 7.71 -1.37
CA SER A 19 -11.26 8.39 -2.66
C SER A 19 -10.04 7.90 -3.47
N THR A 20 -10.25 7.59 -4.74
CA THR A 20 -9.18 7.00 -5.54
C THR A 20 -8.74 7.89 -6.68
N HIS A 21 -7.45 8.21 -6.75
CA HIS A 21 -7.00 9.11 -7.81
C HIS A 21 -6.05 8.45 -8.77
N LEU A 22 -6.56 8.10 -9.94
CA LEU A 22 -5.74 7.42 -10.94
C LEU A 22 -5.19 8.45 -11.94
N LEU A 23 -3.93 8.82 -11.74
CA LEU A 23 -3.30 9.94 -12.45
C LEU A 23 -2.03 9.52 -13.13
N GLU A 24 -2.02 8.37 -13.80
CA GLU A 24 -0.87 7.92 -14.57
C GLU A 24 -0.42 8.99 -15.57
N VAL A 25 -1.39 9.77 -16.05
CA VAL A 25 -1.19 10.78 -17.07
C VAL A 25 -0.29 11.95 -16.65
N LEU A 26 -0.41 12.38 -15.39
CA LEU A 26 0.38 13.52 -14.92
C LEU A 26 1.84 13.16 -14.65
N THR A 27 2.21 11.90 -14.81
CA THR A 27 3.48 11.45 -14.27
C THR A 27 4.66 11.78 -15.21
N ARG A 28 4.35 12.10 -16.46
CA ARG A 28 5.42 12.51 -17.36
C ARG A 28 5.90 13.93 -17.02
N GLU A 29 4.99 14.83 -16.69
CA GLU A 29 5.38 16.20 -16.38
C GLU A 29 5.86 16.36 -14.94
N TYR A 30 5.13 15.74 -14.01
CA TYR A 30 5.43 15.80 -12.60
C TYR A 30 5.78 14.45 -12.02
N PRO A 31 7.06 14.21 -11.72
CA PRO A 31 7.44 12.89 -11.24
C PRO A 31 7.02 12.62 -9.80
N GLU A 32 6.64 13.66 -9.05
CA GLU A 32 6.11 13.47 -7.69
C GLU A 32 4.78 12.72 -7.72
N VAL A 33 4.07 12.84 -8.84
CA VAL A 33 2.78 12.19 -9.02
C VAL A 33 2.97 10.74 -9.49
N ARG A 34 3.50 9.91 -8.61
CA ARG A 34 3.51 8.47 -8.78
C ARG A 34 2.10 7.94 -8.50
N SER A 35 1.50 7.30 -9.50
CA SER A 35 0.14 6.77 -9.35
C SER A 35 0.06 5.34 -9.90
N PRO A 36 0.46 4.37 -9.06
CA PRO A 36 0.48 2.94 -9.39
C PRO A 36 -0.89 2.46 -9.83
N SER A 37 -0.96 1.72 -10.93
CA SER A 37 -2.21 1.11 -11.40
C SER A 37 -2.47 -0.21 -10.72
N ILE A 38 -3.59 -0.84 -11.07
CA ILE A 38 -3.83 -2.14 -10.49
C ILE A 38 -2.79 -3.13 -11.01
N LYS A 39 -2.62 -3.23 -12.34
CA LYS A 39 -1.56 -4.07 -12.93
C LYS A 39 -0.19 -3.71 -12.35
N GLY A 40 0.06 -2.40 -12.18
CA GLY A 40 1.30 -1.92 -11.59
C GLY A 40 1.53 -2.43 -10.18
N ALA A 41 0.56 -2.20 -9.30
CA ALA A 41 0.68 -2.60 -7.90
C ALA A 41 0.64 -4.13 -7.68
N MET A 42 -0.05 -4.88 -8.53
CA MET A 42 0.00 -6.33 -8.46
C MET A 42 1.42 -6.82 -8.65
N ARG A 43 2.10 -6.24 -9.65
CA ARG A 43 3.46 -6.64 -9.95
C ARG A 43 4.36 -6.40 -8.75
N TRP A 44 4.13 -5.28 -8.08
CA TRP A 44 4.89 -4.94 -6.88
C TRP A 44 4.68 -5.97 -5.78
N TRP A 45 3.42 -6.24 -5.51
CA TRP A 45 3.10 -7.12 -4.40
C TRP A 45 3.61 -8.52 -4.67
N PHE A 46 3.73 -8.90 -5.93
CA PHE A 46 4.29 -10.20 -6.25
C PHE A 46 5.74 -10.30 -5.77
N ARG A 47 6.54 -9.30 -6.10
CA ARG A 47 7.92 -9.28 -5.65
C ARG A 47 8.04 -9.21 -4.13
N ALA A 48 6.98 -8.82 -3.43
CA ALA A 48 7.03 -8.73 -1.98
C ALA A 48 6.56 -10.03 -1.31
N LEU A 49 5.90 -10.89 -2.09
CA LEU A 49 5.49 -12.21 -1.61
C LEU A 49 6.62 -13.16 -1.90
N ALA A 50 6.93 -13.29 -3.19
CA ALA A 50 8.03 -14.11 -3.65
C ALA A 50 9.34 -13.79 -2.96
N GLY A 51 9.67 -12.50 -2.89
CA GLY A 51 10.91 -12.05 -2.31
C GLY A 51 11.16 -12.44 -0.87
N SER A 52 10.10 -12.87 -0.17
CA SER A 52 10.21 -13.36 1.20
C SER A 52 10.89 -14.73 1.23
N TYR A 53 11.19 -15.23 0.04
CA TYR A 53 11.70 -16.58 -0.15
C TYR A 53 13.00 -16.61 -0.95
N PHE A 54 13.43 -15.46 -1.44
CA PHE A 54 14.66 -15.42 -2.21
C PHE A 54 15.74 -14.70 -1.41
N GLY A 55 16.98 -15.12 -1.59
CA GLY A 55 18.02 -14.83 -0.61
C GLY A 55 18.44 -13.41 -0.29
N ASP A 56 18.11 -12.48 -1.17
CA ASP A 56 18.96 -11.34 -1.55
C ASP A 56 19.53 -11.91 -2.81
N ASP A 57 18.61 -12.45 -3.60
CA ASP A 57 18.88 -13.08 -4.88
C ASP A 57 17.99 -12.40 -5.91
N ALA A 58 18.13 -11.07 -5.98
CA ALA A 58 17.33 -10.22 -6.86
C ALA A 58 17.26 -10.75 -8.28
N GLN A 59 18.35 -11.38 -8.73
CA GLN A 59 18.42 -11.92 -10.08
C GLN A 59 17.32 -12.95 -10.33
N LYS A 60 17.20 -13.93 -9.42
CA LYS A 60 16.21 -15.00 -9.54
C LYS A 60 14.78 -14.47 -9.42
N LEU A 61 14.55 -13.58 -8.46
CA LEU A 61 13.26 -12.91 -8.32
C LEU A 61 12.86 -12.20 -9.61
N LYS A 62 13.80 -11.54 -10.30
CA LYS A 62 13.49 -10.88 -11.57
C LYS A 62 13.15 -11.91 -12.66
N GLU A 63 13.79 -13.08 -12.59
CA GLU A 63 13.53 -14.18 -13.51
C GLU A 63 12.07 -14.64 -13.39
N ILE A 64 11.64 -14.89 -12.16
CA ILE A 64 10.29 -15.34 -11.92
C ILE A 64 9.28 -14.23 -12.21
N GLU A 65 9.59 -12.99 -11.81
CA GLU A 65 8.70 -11.84 -12.00
C GLU A 65 8.37 -11.62 -13.47
N ASN A 66 9.41 -11.62 -14.31
CA ASN A 66 9.23 -11.39 -15.73
C ASN A 66 8.57 -12.60 -16.40
N GLN A 67 8.88 -13.79 -15.91
CA GLN A 67 8.28 -15.03 -16.40
C GLN A 67 6.75 -15.05 -16.21
N VAL A 68 6.26 -14.25 -15.25
CA VAL A 68 4.84 -14.16 -14.98
C VAL A 68 4.22 -12.94 -15.66
N PHE A 69 4.75 -11.76 -15.34
CA PHE A 69 4.13 -10.52 -15.79
C PHE A 69 4.64 -10.00 -17.13
N GLY A 70 5.77 -10.52 -17.59
CA GLY A 70 6.33 -10.10 -18.88
C GLY A 70 7.31 -8.94 -18.77
N SER A 71 8.07 -8.73 -19.84
CA SER A 71 9.11 -7.69 -19.87
C SER A 71 9.23 -7.16 -21.30
N THR A 72 10.36 -6.52 -21.63
CA THR A 72 10.55 -5.98 -22.98
C THR A 72 11.06 -7.06 -23.92
N LYS A 73 11.59 -8.14 -23.33
CA LYS A 73 12.08 -9.29 -24.10
C LYS A 73 11.24 -10.55 -23.83
N GLU A 74 10.09 -10.41 -23.16
CA GLU A 74 9.25 -11.56 -22.83
C GLU A 74 7.75 -11.24 -22.89
N ARG A 75 6.96 -12.20 -23.37
CA ARG A 75 5.51 -12.07 -23.30
C ARG A 75 5.05 -12.62 -21.95
N SER A 76 4.03 -11.97 -21.39
CA SER A 76 3.48 -12.34 -20.09
C SER A 76 2.69 -13.64 -20.15
N ARG A 77 2.70 -14.40 -19.06
CA ARG A 77 1.93 -15.63 -18.99
C ARG A 77 0.57 -15.36 -18.36
N VAL A 78 0.28 -14.11 -18.06
CA VAL A 78 -1.01 -13.75 -17.47
C VAL A 78 -1.53 -12.45 -18.09
N LYS A 79 -2.81 -12.46 -18.48
CA LYS A 79 -3.44 -11.31 -19.13
C LYS A 79 -4.46 -10.62 -18.22
N ILE A 80 -4.00 -9.55 -17.60
CA ILE A 80 -4.75 -8.77 -16.62
C ILE A 80 -5.62 -7.67 -17.22
N SER A 81 -6.94 -7.83 -17.18
CA SER A 81 -7.85 -6.86 -17.78
C SER A 81 -8.62 -6.05 -16.75
N VAL A 82 -8.33 -4.75 -16.66
CA VAL A 82 -9.02 -3.89 -15.71
C VAL A 82 -9.97 -2.90 -16.39
N THR A 83 -11.18 -2.81 -15.87
CA THR A 83 -12.28 -2.04 -16.45
C THR A 83 -12.98 -1.23 -15.38
N PRO A 84 -12.91 0.11 -15.47
CA PRO A 84 -13.79 0.87 -14.56
C PRO A 84 -15.24 0.62 -14.88
N LEU A 85 -16.09 0.62 -13.86
CA LEU A 85 -17.51 0.42 -14.05
C LEU A 85 -18.24 1.66 -13.55
N SER A 86 -17.48 2.63 -13.05
CA SER A 86 -18.05 3.88 -12.61
C SER A 86 -17.45 5.05 -13.38
N SER A 87 -18.19 6.15 -13.43
CA SER A 87 -17.74 7.34 -14.11
C SER A 87 -17.13 8.28 -13.10
N PRO A 88 -15.97 8.86 -13.42
CA PRO A 88 -15.35 9.84 -12.50
C PRO A 88 -16.29 10.99 -12.15
N LYS A 89 -16.26 11.41 -10.89
CA LYS A 89 -17.13 12.48 -10.39
C LYS A 89 -16.29 13.72 -10.19
N ARG A 90 -16.91 14.89 -10.31
CA ARG A 90 -16.16 16.14 -10.20
C ARG A 90 -15.71 16.36 -8.76
N LEU A 91 -14.44 16.68 -8.57
CA LEU A 91 -13.83 16.79 -7.26
C LEU A 91 -14.32 18.04 -6.50
N ASN A 92 -14.63 17.86 -5.22
CA ASN A 92 -15.16 18.94 -4.38
C ASN A 92 -14.11 19.53 -3.43
N LEU A 93 -13.45 20.60 -3.87
CA LEU A 93 -12.34 21.20 -3.12
C LEU A 93 -12.74 21.68 -1.72
N LYS A 94 -14.03 21.72 -1.46
CA LYS A 94 -14.56 22.14 -0.16
C LYS A 94 -14.30 21.09 0.91
N GLU A 95 -14.08 19.85 0.48
CA GLU A 95 -14.11 18.71 1.39
C GLU A 95 -12.85 18.44 2.18
N PHE A 96 -11.74 19.10 1.86
CA PHE A 96 -10.51 18.81 2.59
C PHE A 96 -10.56 19.46 3.95
N LYS A 97 -11.04 20.70 4.02
CA LYS A 97 -11.22 21.33 5.32
C LYS A 97 -12.35 20.62 6.07
N ASP A 98 -13.47 20.39 5.38
CA ASP A 98 -14.66 19.81 5.99
C ASP A 98 -14.43 18.44 6.61
N LYS A 99 -13.66 17.59 5.93
CA LYS A 99 -13.50 16.19 6.34
C LYS A 99 -12.24 15.93 7.16
N ASN A 100 -11.44 16.98 7.39
CA ASN A 100 -10.19 16.88 8.13
C ASN A 100 -9.22 15.87 7.48
N VAL A 101 -8.90 16.10 6.21
CA VAL A 101 -7.85 15.37 5.52
C VAL A 101 -6.91 16.36 4.82
N GLY A 102 -6.75 17.53 5.41
CA GLY A 102 -6.09 18.63 4.74
C GLY A 102 -4.59 18.52 4.65
N TYR A 103 -4.00 17.70 5.53
CA TYR A 103 -2.55 17.58 5.53
C TYR A 103 -2.10 16.34 4.79
N ILE A 104 -2.71 15.20 5.04
CA ILE A 104 -2.27 13.99 4.36
C ILE A 104 -2.46 14.10 2.85
N TRP A 105 -3.62 14.60 2.45
CA TRP A 105 -3.93 14.73 1.03
C TRP A 105 -3.72 16.13 0.49
N PHE A 106 -2.84 16.89 1.14
CA PHE A 106 -2.46 18.24 0.70
C PHE A 106 -2.11 18.34 -0.80
N SER A 107 -1.29 17.42 -1.31
CA SER A 107 -0.84 17.48 -2.70
C SER A 107 -1.99 17.28 -3.69
N ILE A 108 -3.09 16.72 -3.21
CA ILE A 108 -4.28 16.53 -4.02
C ILE A 108 -5.00 17.87 -4.12
N ASN A 109 -5.30 18.44 -2.96
CA ASN A 109 -5.93 19.74 -2.86
C ASN A 109 -5.19 20.79 -3.69
N LEU A 110 -3.86 20.76 -3.63
CA LEU A 110 -3.04 21.67 -4.43
C LEU A 110 -3.31 21.48 -5.92
N LEU A 111 -3.28 20.25 -6.40
CA LEU A 111 -3.60 19.96 -7.79
C LEU A 111 -5.03 20.36 -8.15
N GLY A 112 -5.93 20.32 -7.17
CA GLY A 112 -7.32 20.63 -7.42
C GLY A 112 -7.53 22.12 -7.65
N LYS A 113 -7.04 22.91 -6.70
CA LYS A 113 -7.03 24.36 -6.78
C LYS A 113 -6.31 24.93 -8.01
N ARG A 114 -5.27 24.27 -8.48
CA ARG A 114 -4.59 24.72 -9.70
C ARG A 114 -5.40 24.29 -10.92
N GLY A 115 -6.31 23.34 -10.72
CA GLY A 115 -7.09 22.80 -11.81
C GLY A 115 -6.43 21.69 -12.63
N THR A 116 -5.28 21.20 -12.19
CA THR A 116 -4.60 20.09 -12.85
C THR A 116 -5.46 18.81 -12.89
N ILE A 117 -6.29 18.63 -11.86
CA ILE A 117 -7.26 17.54 -11.80
C ILE A 117 -8.64 18.11 -11.51
N THR A 118 -9.67 17.52 -12.13
CA THR A 118 -11.06 17.95 -11.95
C THR A 118 -11.98 16.82 -11.55
N HIS A 119 -11.49 15.59 -11.67
CA HIS A 119 -12.29 14.43 -11.33
C HIS A 119 -11.48 13.40 -10.55
N TYR A 120 -12.19 12.41 -10.04
CA TYR A 120 -11.59 11.36 -9.22
C TYR A 120 -12.65 10.31 -9.02
N TYR A 121 -12.20 9.08 -8.78
CA TYR A 121 -13.10 8.03 -8.36
C TYR A 121 -13.35 8.08 -6.87
N PRO A 122 -14.56 8.50 -6.48
CA PRO A 122 -14.99 8.62 -5.07
C PRO A 122 -15.30 7.23 -4.52
N PRO A 123 -15.41 7.11 -3.18
CA PRO A 123 -15.73 5.80 -2.60
C PRO A 123 -17.00 5.22 -3.22
N GLY A 124 -16.98 3.93 -3.53
CA GLY A 124 -18.10 3.31 -4.21
C GLY A 124 -17.77 2.92 -5.63
N SER A 125 -16.87 3.66 -6.28
CA SER A 125 -16.47 3.36 -7.65
C SER A 125 -16.08 1.89 -7.78
N ARG A 126 -16.61 1.21 -8.78
CA ARG A 126 -16.23 -0.17 -8.99
C ARG A 126 -15.29 -0.34 -10.16
N PHE A 127 -14.53 -1.43 -10.10
CA PHE A 127 -13.58 -1.81 -11.13
C PHE A 127 -13.63 -3.31 -11.33
N ARG A 128 -13.60 -3.77 -12.57
CA ARG A 128 -13.55 -5.20 -12.82
C ARG A 128 -12.14 -5.64 -13.16
N VAL A 129 -11.61 -6.58 -12.39
CA VAL A 129 -10.32 -7.16 -12.67
C VAL A 129 -10.50 -8.61 -13.11
N VAL A 130 -9.83 -9.01 -14.18
CA VAL A 130 -9.99 -10.35 -14.75
C VAL A 130 -8.65 -10.91 -15.11
N LEU A 131 -8.26 -11.98 -14.43
CA LEU A 131 -6.99 -12.63 -14.67
C LEU A 131 -7.20 -13.86 -15.55
N GLU A 132 -6.41 -13.98 -16.61
CA GLU A 132 -6.45 -15.16 -17.47
C GLU A 132 -5.06 -15.71 -17.65
N SER A 133 -4.94 -17.03 -17.70
CA SER A 133 -3.65 -17.68 -17.93
C SER A 133 -3.87 -19.13 -18.31
N PRO A 134 -2.99 -19.67 -19.16
CA PRO A 134 -2.99 -21.09 -19.50
C PRO A 134 -2.28 -21.92 -18.44
N SER A 135 -1.48 -21.27 -17.60
CA SER A 135 -0.71 -21.95 -16.57
C SER A 135 -1.36 -21.87 -15.18
N GLU A 136 -1.35 -22.98 -14.44
CA GLU A 136 -1.96 -23.01 -13.11
C GLU A 136 -1.05 -22.40 -12.06
N ARG A 137 0.26 -22.62 -12.17
CA ARG A 137 1.24 -22.03 -11.26
C ARG A 137 1.18 -20.50 -11.34
N VAL A 138 0.82 -19.99 -12.51
CA VAL A 138 0.80 -18.55 -12.76
C VAL A 138 -0.49 -17.86 -12.28
N ILE A 139 -1.64 -18.51 -12.51
CA ILE A 139 -2.94 -17.94 -12.09
C ILE A 139 -3.09 -18.02 -10.56
N LYS A 140 -2.22 -18.77 -9.90
CA LYS A 140 -2.24 -18.84 -8.45
C LYS A 140 -1.41 -17.69 -7.88
N LEU A 141 -0.26 -17.42 -8.51
CA LEU A 141 0.60 -16.32 -8.10
C LEU A 141 -0.01 -14.95 -8.41
N ALA A 142 -0.71 -14.84 -9.54
CA ALA A 142 -1.36 -13.59 -9.90
C ALA A 142 -2.49 -13.26 -8.93
N THR A 143 -3.21 -14.28 -8.48
CA THR A 143 -4.34 -14.04 -7.60
C THR A 143 -3.87 -13.74 -6.17
N LEU A 144 -2.78 -14.35 -5.74
CA LEU A 144 -2.23 -13.96 -4.46
C LEU A 144 -1.77 -12.50 -4.48
N SER A 145 -1.30 -12.04 -5.64
CA SER A 145 -0.81 -10.66 -5.78
C SER A 145 -1.97 -9.68 -5.68
N LEU A 146 -3.03 -9.92 -6.44
CA LEU A 146 -4.25 -9.14 -6.32
C LEU A 146 -4.81 -9.17 -4.89
N TRP A 147 -4.80 -10.33 -4.25
CA TRP A 147 -5.26 -10.48 -2.87
C TRP A 147 -4.45 -9.61 -1.92
N ALA A 148 -3.12 -9.69 -2.06
CA ALA A 148 -2.21 -8.88 -1.27
C ALA A 148 -2.43 -7.39 -1.49
N LEU A 149 -2.57 -6.98 -2.76
CA LEU A 149 -2.90 -5.61 -3.12
C LEU A 149 -4.10 -5.08 -2.36
N VAL A 150 -5.19 -5.82 -2.35
CA VAL A 150 -6.42 -5.37 -1.70
C VAL A 150 -6.32 -5.36 -0.18
N SER A 151 -5.78 -6.44 0.37
CA SER A 151 -5.64 -6.59 1.81
C SER A 151 -4.62 -5.64 2.44
N LEU A 152 -3.46 -5.46 1.82
CA LEU A 152 -2.36 -4.67 2.41
C LEU A 152 -2.01 -3.38 1.66
N GLY A 153 -2.43 -3.29 0.41
CA GLY A 153 -2.05 -2.17 -0.44
C GLY A 153 -3.15 -1.25 -0.91
N SER A 154 -2.88 -0.61 -2.04
CA SER A 154 -3.61 0.57 -2.49
C SER A 154 -3.21 0.86 -3.92
N VAL A 155 -3.99 1.69 -4.63
CA VAL A 155 -3.65 2.13 -5.96
C VAL A 155 -3.97 3.61 -6.12
N GLY A 156 -3.21 4.31 -6.95
CA GLY A 156 -3.48 5.71 -7.22
C GLY A 156 -2.53 6.69 -6.55
N PHE A 157 -2.67 7.98 -6.87
CA PHE A 157 -1.82 9.00 -6.28
C PHE A 157 -2.13 9.10 -4.81
N ARG A 158 -1.08 9.30 -4.01
CA ARG A 158 -1.15 9.42 -2.53
C ARG A 158 -1.80 8.22 -1.80
N SER A 159 -1.55 7.02 -2.32
CA SER A 159 -2.18 5.80 -1.84
C SER A 159 -1.47 5.20 -0.62
N ARG A 160 -0.28 5.69 -0.30
CA ARG A 160 0.42 5.24 0.90
C ARG A 160 0.04 6.12 2.07
N ARG A 161 -0.93 6.98 1.80
CA ARG A 161 -1.48 7.93 2.75
C ARG A 161 -3.00 7.94 2.77
N GLY A 162 -3.62 6.83 2.40
CA GLY A 162 -5.06 6.68 2.59
C GLY A 162 -5.95 6.69 1.37
N THR A 163 -5.52 7.27 0.26
CA THR A 163 -6.32 7.18 -0.97
C THR A 163 -6.18 5.79 -1.56
N GLY A 164 -7.06 5.44 -2.49
CA GLY A 164 -6.97 4.18 -3.19
C GLY A 164 -7.07 2.91 -2.36
N SER A 165 -7.58 2.99 -1.13
CA SER A 165 -7.89 1.76 -0.40
C SER A 165 -9.04 1.03 -1.10
N MET A 166 -8.87 -0.28 -1.31
CA MET A 166 -9.88 -1.09 -2.02
C MET A 166 -10.47 -2.23 -1.19
N LYS A 167 -11.54 -2.83 -1.72
CA LYS A 167 -12.12 -4.05 -1.18
C LYS A 167 -12.82 -4.86 -2.28
N ILE A 168 -12.98 -6.16 -2.07
CA ILE A 168 -13.66 -7.02 -3.06
C ILE A 168 -15.14 -7.20 -2.70
N VAL A 169 -16.05 -6.90 -3.62
CA VAL A 169 -17.48 -7.03 -3.32
C VAL A 169 -18.10 -8.28 -3.92
N ARG A 170 -17.69 -8.65 -5.12
CA ARG A 170 -18.06 -9.95 -5.64
C ARG A 170 -16.92 -10.52 -6.45
N ALA A 171 -16.84 -11.85 -6.51
CA ALA A 171 -15.76 -12.51 -7.22
C ALA A 171 -16.08 -13.96 -7.60
N SER A 172 -15.32 -14.50 -8.55
CA SER A 172 -15.43 -15.89 -8.95
C SER A 172 -14.02 -16.48 -9.03
N SER A 173 -13.45 -16.79 -7.88
CA SER A 173 -12.09 -17.29 -7.76
C SER A 173 -12.04 -18.76 -7.38
N GLU A 174 -11.68 -19.63 -8.33
CA GLU A 174 -11.40 -21.02 -7.99
C GLU A 174 -10.04 -21.16 -7.27
N VAL A 175 -9.23 -20.11 -7.31
CA VAL A 175 -7.91 -20.14 -6.67
C VAL A 175 -7.95 -19.79 -5.20
N LEU A 176 -8.86 -18.90 -4.81
CA LEU A 176 -8.99 -18.57 -3.41
C LEU A 176 -9.75 -19.69 -2.70
N GLU A 177 -10.74 -20.26 -3.38
CA GLU A 177 -11.47 -21.43 -2.87
C GLU A 177 -10.47 -22.53 -2.53
N ASP A 178 -9.61 -22.83 -3.49
CA ASP A 178 -8.60 -23.87 -3.37
C ASP A 178 -7.62 -23.63 -2.20
N LEU A 179 -7.19 -22.37 -2.03
CA LEU A 179 -6.20 -22.04 -1.02
C LEU A 179 -6.79 -21.87 0.37
N GLY A 180 -8.12 -21.85 0.44
CA GLY A 180 -8.79 -21.68 1.71
C GLY A 180 -8.75 -20.25 2.20
N LEU A 181 -8.90 -19.32 1.27
CA LEU A 181 -8.84 -17.89 1.57
C LEU A 181 -10.19 -17.20 1.37
N THR A 182 -10.35 -16.02 1.95
CA THR A 182 -11.59 -15.27 1.87
C THR A 182 -11.46 -14.06 0.94
N THR A 183 -12.58 -13.42 0.61
CA THR A 183 -12.54 -12.14 -0.11
C THR A 183 -12.87 -10.95 0.84
N GLU A 184 -13.10 -11.28 2.11
CA GLU A 184 -13.34 -10.30 3.19
C GLU A 184 -12.97 -10.81 4.59
N PHE A 185 -12.75 -9.89 5.53
CA PHE A 185 -12.41 -10.23 6.89
C PHE A 185 -13.55 -10.02 7.89
N ASN A 186 -14.09 -11.12 8.43
CA ASN A 186 -15.14 -11.04 9.45
C ASN A 186 -14.55 -10.76 10.83
N SER A 187 -13.25 -10.97 10.97
CA SER A 187 -12.60 -10.73 12.23
C SER A 187 -11.16 -10.39 11.97
N ILE A 188 -10.49 -9.96 13.03
CA ILE A 188 -9.06 -9.72 12.95
C ILE A 188 -8.30 -11.05 12.88
N ASP A 189 -8.83 -12.09 13.52
CA ASP A 189 -8.15 -13.37 13.56
C ASP A 189 -8.13 -13.97 12.17
N GLU A 190 -9.19 -13.75 11.42
CA GLU A 190 -9.25 -14.12 10.01
C GLU A 190 -8.12 -13.46 9.23
N PHE A 191 -7.95 -12.15 9.46
CA PHE A 191 -6.87 -11.38 8.84
C PHE A 191 -5.53 -12.05 9.13
N LYS A 192 -5.18 -12.20 10.42
CA LYS A 192 -3.95 -12.85 10.88
C LYS A 192 -3.71 -14.20 10.18
N ASP A 193 -4.68 -15.11 10.32
CA ASP A 193 -4.58 -16.42 9.71
C ASP A 193 -4.36 -16.41 8.19
N SER A 194 -5.04 -15.53 7.46
CA SER A 194 -4.92 -15.54 6.00
C SER A 194 -3.56 -15.06 5.57
N LEU A 195 -2.98 -14.14 6.34
CA LEU A 195 -1.65 -13.60 6.03
C LEU A 195 -0.63 -14.71 6.12
N LYS A 196 -0.60 -15.36 7.29
CA LYS A 196 0.11 -16.61 7.51
C LYS A 196 -0.10 -17.59 6.34
N ARG A 197 -1.35 -17.87 5.98
CA ARG A 197 -1.65 -18.75 4.86
C ARG A 197 -1.04 -18.30 3.54
N VAL A 198 -1.02 -17.00 3.30
CA VAL A 198 -0.51 -16.54 2.03
C VAL A 198 0.99 -16.70 2.00
N LEU A 199 1.66 -16.43 3.11
CA LEU A 199 3.09 -16.74 3.17
C LEU A 199 3.38 -18.22 2.88
N ASP A 200 2.73 -19.16 3.55
CA ASP A 200 3.03 -20.57 3.33
C ASP A 200 2.77 -21.06 1.90
N VAL A 201 1.58 -20.81 1.36
CA VAL A 201 1.23 -21.24 0.01
C VAL A 201 2.17 -20.69 -1.07
N THR A 202 2.55 -19.43 -0.94
CA THR A 202 3.44 -18.77 -1.90
C THR A 202 4.78 -19.48 -2.04
N GLY A 203 5.31 -19.98 -0.92
CA GLY A 203 6.57 -20.70 -0.93
C GLY A 203 6.47 -21.96 -1.75
N GLU A 204 5.49 -22.79 -1.44
CA GLU A 204 5.29 -24.07 -2.11
C GLU A 204 5.15 -23.95 -3.63
N ILE A 205 4.25 -23.08 -4.08
CA ILE A 205 4.03 -22.83 -5.50
C ILE A 205 5.35 -22.53 -6.21
N LEU A 206 6.23 -21.80 -5.54
CA LEU A 206 7.54 -21.45 -6.10
C LEU A 206 8.51 -22.62 -6.06
N GLY A 207 8.44 -23.41 -4.99
CA GLY A 207 9.37 -24.50 -4.77
C GLY A 207 10.40 -24.09 -3.74
N VAL A 208 10.74 -25.01 -2.84
CA VAL A 208 11.73 -24.79 -1.78
C VAL A 208 11.41 -23.56 -0.94
N SER A 216 17.66 -14.02 7.90
CA SER A 216 18.55 -13.24 7.04
C SER A 216 17.72 -12.30 6.17
N LEU A 217 17.68 -11.03 6.55
CA LEU A 217 16.79 -10.03 5.94
C LEU A 217 17.29 -9.58 4.56
N PRO A 218 16.35 -9.37 3.60
CA PRO A 218 16.64 -8.97 2.20
C PRO A 218 16.75 -7.46 1.98
N SER A 219 17.22 -7.05 0.80
CA SER A 219 17.42 -5.64 0.48
C SER A 219 16.09 -4.93 0.12
N TYR A 220 15.19 -5.64 -0.54
CA TYR A 220 13.88 -5.12 -0.96
C TYR A 220 12.81 -5.31 0.13
N ALA A 221 11.73 -4.53 0.06
CA ALA A 221 10.57 -4.77 0.93
C ALA A 221 9.92 -6.12 0.65
N THR A 222 9.56 -6.82 1.71
CA THR A 222 8.88 -8.10 1.61
C THR A 222 7.74 -8.18 2.59
N LEU A 223 6.79 -9.08 2.34
CA LEU A 223 5.72 -9.32 3.29
C LEU A 223 6.21 -10.02 4.55
N LYS A 224 7.10 -11.00 4.38
CA LYS A 224 7.64 -11.73 5.53
C LYS A 224 8.26 -10.80 6.56
N PHE A 225 9.00 -9.79 6.11
CA PHE A 225 9.62 -8.87 7.05
C PHE A 225 8.92 -7.50 7.06
N SER A 226 7.74 -7.47 7.67
CA SER A 226 6.91 -6.28 7.70
C SER A 226 5.91 -6.35 8.85
N ASP A 227 5.68 -5.25 9.57
CA ASP A 227 4.65 -5.20 10.61
C ASP A 227 3.34 -4.69 10.03
N VAL A 228 2.24 -5.32 10.42
CA VAL A 228 0.91 -4.89 10.00
C VAL A 228 0.09 -4.65 11.25
N GLU A 229 -0.50 -3.47 11.36
CA GLU A 229 -1.28 -3.08 12.54
C GLU A 229 -2.61 -2.52 12.09
N VAL A 230 -3.63 -2.63 12.95
CA VAL A 230 -4.91 -1.99 12.70
C VAL A 230 -5.45 -1.33 13.94
N PHE A 231 -6.51 -0.55 13.78
CA PHE A 231 -7.20 0.12 14.88
C PHE A 231 -8.62 0.51 14.53
N GLY A 232 -9.46 0.53 15.56
CA GLY A 232 -10.86 0.89 15.39
C GLY A 232 -11.79 -0.13 16.00
N PRO A 233 -13.02 -0.18 15.51
CA PRO A 233 -13.42 0.54 14.31
C PRO A 233 -13.87 1.98 14.51
N GLY A 234 -13.71 2.77 13.46
CA GLY A 234 -14.24 4.11 13.44
C GLY A 234 -15.73 4.11 13.14
N LYS A 235 -16.36 5.27 13.38
CA LYS A 235 -17.77 5.45 13.11
C LYS A 235 -17.99 5.24 11.62
N ASN A 236 -17.18 5.91 10.82
CA ASN A 236 -17.17 5.73 9.37
C ASN A 236 -15.75 5.81 8.83
N THR A 237 -15.61 5.66 7.51
CA THR A 237 -14.32 5.78 6.86
C THR A 237 -13.68 7.16 7.09
N TRP A 238 -14.45 8.23 7.02
CA TRP A 238 -13.89 9.57 7.21
C TRP A 238 -13.31 9.76 8.62
N GLU A 239 -13.86 9.09 9.63
CA GLU A 239 -13.41 9.30 10.99
C GLU A 239 -12.04 8.68 11.18
N VAL A 240 -11.82 7.59 10.47
CA VAL A 240 -10.53 6.91 10.46
C VAL A 240 -9.50 7.80 9.79
N LEU A 241 -9.77 8.20 8.55
CA LEU A 241 -8.85 9.06 7.79
C LEU A 241 -8.51 10.31 8.56
N ALA A 242 -9.48 10.85 9.29
CA ALA A 242 -9.29 12.11 9.99
C ALA A 242 -8.35 11.95 11.19
N GLN A 243 -8.37 10.74 11.74
CA GLN A 243 -7.44 10.36 12.79
C GLN A 243 -5.99 10.37 12.28
N PHE A 244 -5.79 9.78 11.10
CA PHE A 244 -4.49 9.82 10.45
C PHE A 244 -4.06 11.25 10.19
N ASN A 245 -5.01 12.09 9.82
CA ASN A 245 -4.71 13.47 9.50
C ASN A 245 -4.29 14.27 10.73
N ASN A 246 -4.89 14.01 11.88
CA ASN A 246 -4.42 14.68 13.11
C ASN A 246 -3.03 14.20 13.50
N SER A 247 -2.84 12.90 13.46
CA SER A 247 -1.56 12.29 13.79
C SER A 247 -0.41 12.75 12.91
N TYR A 248 -0.67 12.79 11.59
CA TYR A 248 0.30 13.24 10.60
C TYR A 248 0.70 14.69 10.78
N LYS A 249 -0.27 15.54 11.10
CA LYS A 249 -0.06 16.96 11.35
C LYS A 249 0.93 17.19 12.49
N GLU A 250 0.81 16.40 13.55
CA GLU A 250 1.73 16.53 14.68
C GLU A 250 3.10 15.97 14.32
N TYR A 251 3.08 14.87 13.57
CA TYR A 251 4.30 14.31 12.99
C TYR A 251 5.03 15.37 12.17
N LEU A 252 4.30 16.00 11.25
CA LEU A 252 4.81 17.03 10.38
C LEU A 252 5.31 18.27 11.13
N ARG A 253 4.64 18.62 12.22
CA ARG A 253 5.06 19.79 13.00
C ARG A 253 6.44 19.53 13.59
N ARG A 254 6.53 18.42 14.32
CA ARG A 254 7.77 17.98 14.94
C ARG A 254 8.90 17.72 13.96
N ARG A 255 8.54 17.27 12.76
CA ARG A 255 9.52 16.93 11.72
C ARG A 255 10.19 18.16 11.17
N ILE A 256 9.40 19.20 10.95
CA ILE A 256 9.90 20.46 10.42
C ILE A 256 10.87 21.11 11.39
N LYS A 257 10.46 21.16 12.66
CA LYS A 257 11.28 21.71 13.72
C LYS A 257 12.58 20.92 13.84
N LYS A 258 12.48 19.60 13.70
CA LYS A 258 13.63 18.70 13.78
C LYS A 258 14.66 18.90 12.67
N TYR A 259 14.22 19.06 11.42
CA TYR A 259 15.16 19.11 10.29
C TYR A 259 15.74 20.50 10.03
N GLN A 260 15.14 21.53 10.62
CA GLN A 260 15.78 22.83 10.58
C GLN A 260 16.86 22.89 11.64
N ARG A 261 16.71 22.08 12.69
CA ARG A 261 17.73 21.97 13.71
C ARG A 261 18.91 21.32 13.04
N ILE A 262 18.68 20.11 12.52
CA ILE A 262 19.71 19.25 11.94
C ILE A 262 20.41 19.88 10.74
N ILE A 263 19.65 20.22 9.72
CA ILE A 263 20.22 20.75 8.49
C ILE A 263 20.74 22.18 8.61
N PHE A 264 19.99 23.07 9.25
CA PHE A 264 20.34 24.50 9.24
C PHE A 264 20.66 25.18 10.58
N GLY A 265 20.62 24.44 11.68
CA GLY A 265 20.86 25.05 12.98
C GLY A 265 22.33 25.03 13.32
N LEU A 266 22.64 24.83 14.60
CA LEU A 266 24.04 24.77 15.03
C LEU A 266 24.65 23.42 14.64
N PRO A 267 25.84 23.45 14.04
CA PRO A 267 26.61 22.23 13.70
C PRO A 267 27.07 21.42 14.91
N ARG A 268 26.70 20.14 14.93
CA ARG A 268 27.08 19.22 15.99
C ARG A 268 27.60 17.94 15.39
N PHE A 269 28.53 17.27 16.08
CA PHE A 269 29.03 15.98 15.60
C PHE A 269 28.17 14.83 16.07
N LYS A 270 27.52 14.11 15.15
CA LYS A 270 26.65 13.02 15.60
C LYS A 270 27.43 11.85 16.14
N LEU A 271 26.79 11.15 17.06
CA LEU A 271 27.40 10.03 17.73
C LEU A 271 26.90 8.76 17.06
N ARG A 272 27.79 7.78 16.94
CA ARG A 272 27.42 6.51 16.35
C ARG A 272 26.48 5.79 17.29
N GLY A 273 25.46 5.19 16.72
CA GLY A 273 24.45 4.50 17.49
C GLY A 273 25.02 3.30 18.18
N VAL A 274 24.56 3.09 19.40
CA VAL A 274 24.93 1.94 20.20
C VAL A 274 24.49 0.64 19.50
N ARG A 275 23.51 0.74 18.61
CA ARG A 275 23.05 -0.39 17.81
C ARG A 275 23.21 -0.11 16.33
N LYS A 276 23.65 -1.13 15.58
CA LYS A 276 23.84 -0.97 14.15
C LYS A 276 22.51 -0.66 13.45
N ASP A 277 22.54 0.38 12.61
CA ASP A 277 21.39 0.79 11.80
C ASP A 277 20.20 1.13 12.72
N LEU A 278 20.46 2.03 13.66
CA LEU A 278 19.49 2.50 14.66
C LEU A 278 18.58 3.59 14.10
N ARG A 279 19.17 4.58 13.41
CA ARG A 279 18.44 5.73 12.88
C ARG A 279 17.92 5.52 11.45
N ARG A 280 18.01 4.28 10.94
CA ARG A 280 17.47 3.96 9.63
C ARG A 280 16.02 3.52 9.77
N ALA A 281 15.11 4.48 9.72
CA ALA A 281 13.69 4.17 9.85
C ALA A 281 13.10 3.76 8.51
N SER A 282 12.11 2.88 8.59
CA SER A 282 11.58 2.16 7.45
C SER A 282 10.28 2.80 6.95
N PRO A 283 9.89 2.52 5.70
CA PRO A 283 8.67 3.06 5.11
C PRO A 283 7.40 2.61 5.82
N LEU A 284 6.41 3.50 5.86
CA LEU A 284 5.12 3.20 6.47
C LEU A 284 3.98 3.63 5.54
N TRP A 285 3.16 2.67 5.13
CA TRP A 285 1.95 3.00 4.40
C TRP A 285 0.77 2.87 5.36
N PHE A 286 -0.24 3.71 5.18
CA PHE A 286 -1.50 3.51 5.88
C PHE A 286 -2.69 3.63 4.95
N GLY A 287 -3.83 3.08 5.40
CA GLY A 287 -5.04 2.99 4.60
C GLY A 287 -6.25 2.66 5.44
N VAL A 288 -7.30 2.17 4.79
CA VAL A 288 -8.52 1.80 5.49
C VAL A 288 -8.88 0.40 5.07
N VAL A 289 -8.94 -0.52 6.04
CA VAL A 289 -9.38 -1.90 5.81
C VAL A 289 -10.77 -2.12 6.41
N GLU A 290 -11.56 -2.93 5.75
CA GLU A 290 -12.89 -3.26 6.23
C GLU A 290 -12.88 -4.63 6.87
N ILE A 291 -13.16 -4.65 8.17
CA ILE A 291 -13.17 -5.88 8.95
C ILE A 291 -14.51 -6.03 9.63
N GLY A 292 -15.24 -7.09 9.32
CA GLY A 292 -16.54 -7.29 9.91
C GLY A 292 -17.52 -6.19 9.56
N GLY A 293 -17.40 -5.64 8.35
CA GLY A 293 -18.30 -4.60 7.89
C GLY A 293 -17.97 -3.20 8.37
N LYS A 294 -17.01 -3.08 9.25
CA LYS A 294 -16.67 -1.79 9.82
C LYS A 294 -15.27 -1.35 9.38
N PRO A 295 -15.02 -0.02 9.35
CA PRO A 295 -13.75 0.56 8.93
C PRO A 295 -12.67 0.59 10.02
N TYR A 296 -11.51 0.05 9.67
CA TYR A 296 -10.32 0.08 10.51
C TYR A 296 -9.20 0.83 9.81
N GLY A 297 -8.39 1.58 10.56
CA GLY A 297 -7.12 2.08 10.07
C GLY A 297 -6.15 0.92 9.91
N ARG A 298 -5.49 0.85 8.75
CA ARG A 298 -4.47 -0.15 8.48
C ARG A 298 -3.08 0.48 8.38
N ILE A 299 -2.08 -0.11 8.99
CA ILE A 299 -0.71 0.41 8.95
C ILE A 299 0.24 -0.72 8.62
N ILE A 300 1.19 -0.48 7.72
CA ILE A 300 2.19 -1.49 7.41
C ILE A 300 3.59 -0.88 7.33
N LYS A 301 4.52 -1.49 8.05
CA LYS A 301 5.92 -1.05 8.08
C LYS A 301 6.83 -2.04 7.40
N PHE A 302 7.61 -1.57 6.44
CA PHE A 302 8.49 -2.47 5.69
C PHE A 302 9.93 -2.36 6.15
N PHE A 303 10.42 -3.35 6.88
CA PHE A 303 11.80 -3.35 7.32
C PHE A 303 12.69 -4.07 6.31
N GLN A 304 13.75 -3.40 5.86
CA GLN A 304 14.74 -4.04 5.00
C GLN A 304 16.15 -3.48 5.22
N SER A 305 17.12 -3.97 4.45
CA SER A 305 18.52 -3.58 4.67
C SER A 305 18.93 -2.39 3.83
N THR A 306 18.54 -2.37 2.55
CA THR A 306 18.83 -1.22 1.70
C THR A 306 18.28 0.05 2.37
N PHE A 307 18.96 1.16 2.15
CA PHE A 307 18.68 2.39 2.87
C PHE A 307 17.67 3.30 2.14
N HIS A 308 17.03 4.18 2.89
CA HIS A 308 16.09 5.18 2.35
C HIS A 308 16.14 6.44 3.19
N PRO A 309 16.77 7.51 2.66
CA PRO A 309 16.95 8.71 3.51
C PRO A 309 15.64 9.42 3.83
N GLU A 310 15.51 9.96 5.05
CA GLU A 310 14.35 10.78 5.41
C GLU A 310 14.41 12.09 4.63
N VAL A 311 15.59 12.36 4.09
CA VAL A 311 15.99 13.66 3.60
C VAL A 311 16.07 13.69 2.10
N ARG A 312 15.01 14.20 1.45
CA ARG A 312 14.97 14.32 -0.01
C ARG A 312 14.90 15.80 -0.49
N SER A 313 15.38 16.11 -1.71
CA SER A 313 15.29 17.49 -2.23
C SER A 313 13.92 17.77 -2.82
N LYS A 314 13.02 18.29 -2.00
CA LYS A 314 11.63 18.50 -2.35
C LYS A 314 10.97 18.94 -1.04
N HIS A 315 9.77 19.46 -1.11
CA HIS A 315 9.18 20.01 0.09
C HIS A 315 8.97 18.93 1.17
N ILE A 316 9.07 19.32 2.44
CA ILE A 316 9.01 18.35 3.52
C ILE A 316 7.59 17.78 3.73
N VAL A 317 6.59 18.36 3.07
CA VAL A 317 5.23 17.84 3.14
C VAL A 317 5.06 16.74 2.07
N ASP A 318 6.12 16.52 1.31
CA ASP A 318 6.14 15.47 0.30
C ASP A 318 7.03 14.32 0.74
N TRP A 319 7.71 14.49 1.87
CA TRP A 319 8.65 13.47 2.32
C TRP A 319 7.90 12.24 2.76
N ASN A 320 8.43 11.07 2.41
CA ASN A 320 7.80 9.80 2.76
C ASN A 320 7.59 9.67 4.27
N VAL A 321 6.42 9.17 4.66
CA VAL A 321 6.14 8.92 6.07
C VAL A 321 6.85 7.64 6.51
N LEU A 322 7.53 7.72 7.64
CA LEU A 322 8.35 6.62 8.15
C LEU A 322 7.78 5.95 9.39
N SER A 323 8.37 4.81 9.75
CA SER A 323 7.90 3.95 10.83
C SER A 323 7.88 4.65 12.19
N ASN A 324 8.54 5.79 12.33
CA ASN A 324 8.56 6.46 13.62
C ASN A 324 7.28 7.26 13.86
N PHE A 325 6.35 7.11 12.93
CA PHE A 325 5.03 7.77 12.93
C PHE A 325 4.03 6.98 13.74
N ASP A 326 4.29 5.66 13.88
CA ASP A 326 3.40 4.74 14.59
C ASP A 326 3.07 5.21 16.02
N TRP A 327 4.04 5.86 16.67
CA TRP A 327 3.78 6.50 17.95
C TRP A 327 2.54 7.36 17.91
N PHE A 328 2.46 8.25 16.92
CA PHE A 328 1.46 9.30 16.88
C PHE A 328 0.05 8.79 16.58
N ILE A 329 -0.06 7.49 16.37
CA ILE A 329 -1.34 6.78 16.29
C ILE A 329 -1.55 5.93 17.53
N SER A 330 -0.52 5.19 17.92
CA SER A 330 -0.67 4.18 18.98
C SER A 330 -0.62 4.77 20.37
N SER A 331 -0.08 5.99 20.50
CA SER A 331 -0.08 6.68 21.77
C SER A 331 -1.44 7.33 22.02
N ARG A 332 -2.27 7.39 20.98
CA ARG A 332 -3.55 8.09 21.04
C ARG A 332 -4.78 7.18 20.93
N LEU A 333 -4.60 5.93 20.49
CA LEU A 333 -5.71 4.98 20.48
C LEU A 333 -5.17 3.55 20.34
N PRO A 334 -5.88 2.56 20.91
CA PRO A 334 -5.38 1.18 20.96
C PRO A 334 -5.18 0.53 19.60
N VAL A 335 -3.99 -0.04 19.41
CA VAL A 335 -3.57 -0.63 18.14
C VAL A 335 -3.39 -2.14 18.27
N THR A 336 -3.80 -2.90 17.26
CA THR A 336 -3.71 -4.36 17.28
C THR A 336 -2.74 -4.89 16.21
N LYS A 337 -1.78 -5.72 16.60
CA LYS A 337 -0.79 -6.29 15.66
C LYS A 337 -1.34 -7.49 14.88
N VAL A 338 -1.46 -7.33 13.57
CA VAL A 338 -1.96 -8.38 12.70
C VAL A 338 -0.80 -9.29 12.28
N TRP A 339 0.34 -8.69 11.99
CA TRP A 339 1.46 -9.46 11.53
C TRP A 339 2.74 -8.98 12.17
N GLY A 340 3.43 -9.89 12.82
CA GLY A 340 4.55 -9.52 13.65
C GLY A 340 5.96 -9.67 13.13
N GLY A 341 6.13 -10.09 11.89
CA GLY A 341 7.46 -10.35 11.39
C GLY A 341 8.22 -9.05 11.51
N TRP A 342 9.43 -9.12 12.04
CA TRP A 342 10.12 -7.92 12.47
C TRP A 342 11.49 -8.32 12.98
P PO4 B . 2.17 8.61 -1.51
O1 PO4 B . 3.62 8.26 -1.31
O2 PO4 B . 1.58 9.07 -0.21
O3 PO4 B . 2.08 9.72 -2.53
O4 PO4 B . 1.46 7.39 -2.06
P 3GP C . 9.73 0.55 -6.34
O1P 3GP C . 11.15 0.79 -6.76
O2P 3GP C . 9.03 -0.21 -7.45
O3P 3GP C . 9.72 -0.21 -5.04
O5' 3GP C . 8.41 4.19 -3.60
C5' 3GP C . 7.74 3.06 -3.07
C4' 3GP C . 7.84 1.89 -4.04
O4' 3GP C . 6.69 1.10 -3.89
C3' 3GP C . 7.88 2.37 -5.48
O3' 3GP C . 9.02 1.99 -6.24
C2' 3GP C . 6.59 1.89 -6.14
O2' 3GP C . 6.80 0.95 -7.17
C1' 3GP C . 5.84 1.22 -5.01
N9 3GP C . 4.73 2.06 -4.59
C8 3GP C . 4.69 3.41 -4.37
N7 3GP C . 3.45 3.74 -3.98
C5 3GP C . 2.70 2.60 -3.93
C6 3GP C . 1.37 2.34 -3.59
O6 3GP C . 0.65 3.26 -3.26
N1 3GP C . 0.91 1.05 -3.65
C2 3GP C . 1.76 0.02 -4.04
N2 3GP C . 1.31 -1.23 -4.10
N3 3GP C . 3.07 0.28 -4.37
C4 3GP C . 3.51 1.55 -4.31
#